data_1QAN
#
_entry.id   1QAN
#
_cell.length_a   81.21
_cell.length_b   81.21
_cell.length_c   122.11
_cell.angle_alpha   90
_cell.angle_beta   90
_cell.angle_gamma   90
#
_symmetry.space_group_name_H-M   'P 43 21 2'
#
loop_
_entity.id
_entity.type
_entity.pdbx_description
1 polymer "ERMC' METHYLTRANSFERASE"
2 non-polymer 'ACETATE ION'
3 non-polymer S-ADENOSYL-L-HOMOCYSTEINE
4 water water
#
_entity_poly.entity_id   1
_entity_poly.type   'polypeptide(L)'
_entity_poly.pdbx_seq_one_letter_code
;MNEKNIKHSQNFITSKHNIDKIMTNIRLNEHDNIFEIGSGKGHFTLELVQRCNFVTAIEIDHKLCKTTENKLVDHDNFQV
LNKDILQFKFPKNQSYKIFGNIPYNISTDIIRKIVFDSIADEIYLIVEYGFAKRLLNTKRSLALFLMAEVDISILSMVPR
EYFHPKPKVNSSLIRLNRKKSRISHKDKQKYNYFVMKWVNKEYKKIFTKNQFNNSLKHAGIDDLNNISFEQFLSLFNSYK
LFNK
;
_entity_poly.pdbx_strand_id   A
#
# COMPACT_ATOMS: atom_id res chain seq x y z
N SER A 9 -2.09 16.05 6.31
CA SER A 9 -2.51 17.35 5.72
C SER A 9 -3.75 17.08 4.88
N GLN A 10 -4.22 18.10 4.18
CA GLN A 10 -5.38 17.94 3.32
C GLN A 10 -5.09 18.56 1.96
N ASN A 11 -4.61 17.74 1.02
CA ASN A 11 -4.30 18.20 -0.34
C ASN A 11 -5.28 17.55 -1.30
N PHE A 12 -6.29 18.30 -1.71
CA PHE A 12 -7.33 17.81 -2.59
C PHE A 12 -6.95 17.88 -4.08
N ILE A 13 -7.54 16.98 -4.86
CA ILE A 13 -7.37 16.96 -6.31
C ILE A 13 -8.79 17.25 -6.76
N THR A 14 -9.03 18.47 -7.23
CA THR A 14 -10.38 18.87 -7.61
C THR A 14 -10.70 19.14 -9.07
N SER A 15 -9.72 19.03 -9.96
CA SER A 15 -10.04 19.25 -11.36
C SER A 15 -10.66 18.00 -12.01
N LYS A 16 -11.91 18.12 -12.41
CA LYS A 16 -12.61 17.00 -13.05
C LYS A 16 -11.75 16.37 -14.14
N HIS A 17 -11.08 17.22 -14.91
CA HIS A 17 -10.22 16.79 -15.99
C HIS A 17 -9.09 15.87 -15.50
N ASN A 18 -8.50 16.23 -14.36
CA ASN A 18 -7.40 15.43 -13.79
C ASN A 18 -7.89 14.18 -13.13
N ILE A 19 -9.06 14.26 -12.52
CA ILE A 19 -9.69 13.13 -11.87
C ILE A 19 -9.92 12.03 -12.91
N ASP A 20 -10.42 12.40 -14.09
CA ASP A 20 -10.67 11.42 -15.12
C ASP A 20 -9.39 10.75 -15.58
N LYS A 21 -8.31 11.51 -15.71
CA LYS A 21 -7.05 10.93 -16.12
C LYS A 21 -6.61 9.86 -15.14
N ILE A 22 -6.63 10.19 -13.87
CA ILE A 22 -6.24 9.26 -12.81
C ILE A 22 -7.15 8.03 -12.79
N MET A 23 -8.46 8.23 -12.89
CA MET A 23 -9.41 7.11 -12.91
C MET A 23 -9.11 6.19 -14.09
N THR A 24 -8.49 6.74 -15.12
CA THR A 24 -8.14 5.97 -16.28
C THR A 24 -7.28 4.77 -15.93
N ASN A 25 -6.40 4.94 -14.94
CA ASN A 25 -5.51 3.85 -14.56
C ASN A 25 -6.09 2.91 -13.52
N ILE A 26 -7.19 3.32 -12.89
CA ILE A 26 -7.82 2.52 -11.85
C ILE A 26 -8.88 1.59 -12.42
N ARG A 27 -8.56 0.31 -12.50
CA ARG A 27 -9.52 -0.65 -13.07
C ARG A 27 -10.41 -1.32 -12.04
N LEU A 28 -11.28 -0.54 -11.41
CA LEU A 28 -12.22 -1.09 -10.45
C LEU A 28 -13.51 -1.28 -11.28
N ASN A 29 -14.31 -2.30 -10.96
CA ASN A 29 -15.54 -2.49 -11.72
C ASN A 29 -16.82 -2.37 -10.91
N GLU A 30 -17.93 -2.34 -11.64
CA GLU A 30 -19.29 -2.23 -11.11
C GLU A 30 -19.70 -3.16 -9.96
N HIS A 31 -19.02 -4.31 -9.81
CA HIS A 31 -19.37 -5.25 -8.74
C HIS A 31 -18.47 -5.19 -7.49
N ASP A 32 -17.43 -4.37 -7.52
CA ASP A 32 -16.53 -4.26 -6.37
C ASP A 32 -17.03 -3.34 -5.27
N ASN A 33 -16.87 -3.77 -4.02
CA ASN A 33 -17.24 -2.95 -2.87
C ASN A 33 -15.96 -2.23 -2.53
N ILE A 34 -16.04 -0.93 -2.30
CA ILE A 34 -14.84 -0.14 -2.05
C ILE A 34 -14.77 0.63 -0.73
N PHE A 35 -13.58 0.67 -0.14
CA PHE A 35 -13.37 1.46 1.05
C PHE A 35 -12.43 2.56 0.62
N GLU A 36 -12.86 3.81 0.72
CA GLU A 36 -11.97 4.90 0.35
C GLU A 36 -11.37 5.53 1.60
N ILE A 37 -10.05 5.71 1.60
CA ILE A 37 -9.37 6.34 2.73
C ILE A 37 -9.29 7.85 2.50
N GLY A 38 -10.02 8.60 3.34
CA GLY A 38 -10.02 10.05 3.22
C GLY A 38 -10.77 10.62 2.01
N SER A 39 -12.09 10.57 2.05
CA SER A 39 -12.88 11.07 0.94
C SER A 39 -12.70 12.57 0.69
N GLY A 40 -12.27 13.30 1.72
CA GLY A 40 -12.07 14.74 1.61
C GLY A 40 -13.33 15.48 1.20
N LYS A 41 -13.26 16.17 0.07
CA LYS A 41 -14.44 16.90 -0.40
C LYS A 41 -15.28 16.09 -1.37
N GLY A 42 -14.99 14.79 -1.46
CA GLY A 42 -15.75 13.87 -2.30
C GLY A 42 -15.46 13.75 -3.79
N HIS A 43 -14.38 14.35 -4.26
CA HIS A 43 -14.07 14.28 -5.69
C HIS A 43 -13.81 12.89 -6.28
N PHE A 44 -13.09 12.03 -5.57
CA PHE A 44 -12.88 10.68 -6.07
C PHE A 44 -14.09 9.84 -5.66
N THR A 45 -14.66 10.14 -4.50
CA THR A 45 -15.82 9.41 -4.00
C THR A 45 -16.97 9.44 -4.99
N LEU A 46 -17.14 10.58 -5.68
CA LEU A 46 -18.21 10.73 -6.66
C LEU A 46 -18.01 9.82 -7.86
N GLU A 47 -16.75 9.60 -8.24
CA GLU A 47 -16.45 8.73 -9.37
C GLU A 47 -16.52 7.25 -8.98
N LEU A 48 -16.16 6.94 -7.75
CA LEU A 48 -16.17 5.57 -7.26
C LEU A 48 -17.60 5.00 -7.12
N VAL A 49 -18.54 5.83 -6.68
CA VAL A 49 -19.91 5.34 -6.53
C VAL A 49 -20.54 5.09 -7.90
N GLN A 50 -20.06 5.83 -8.90
CA GLN A 50 -20.58 5.65 -10.25
C GLN A 50 -19.92 4.46 -10.93
N ARG A 51 -18.69 4.17 -10.51
CA ARG A 51 -17.95 3.07 -11.11
C ARG A 51 -18.10 1.73 -10.39
N CYS A 52 -18.22 1.81 -9.07
CA CYS A 52 -18.30 0.63 -8.25
C CYS A 52 -19.64 0.33 -7.60
N ASN A 53 -19.76 -0.90 -7.10
CA ASN A 53 -20.98 -1.39 -6.48
C ASN A 53 -21.41 -0.60 -5.26
N PHE A 54 -20.48 -0.40 -4.34
CA PHE A 54 -20.76 0.33 -3.13
C PHE A 54 -19.47 0.92 -2.59
N VAL A 55 -19.59 2.06 -1.92
CA VAL A 55 -18.40 2.71 -1.39
C VAL A 55 -18.57 3.17 0.04
N THR A 56 -17.62 2.78 0.89
CA THR A 56 -17.64 3.19 2.28
C THR A 56 -16.48 4.17 2.44
N ALA A 57 -16.79 5.44 2.60
CA ALA A 57 -15.78 6.48 2.75
C ALA A 57 -15.37 6.65 4.20
N ILE A 58 -14.07 6.52 4.50
CA ILE A 58 -13.63 6.69 5.87
C ILE A 58 -12.94 8.05 5.95
N GLU A 59 -13.56 8.98 6.66
CA GLU A 59 -13.01 10.34 6.80
C GLU A 59 -12.93 10.78 8.24
N ILE A 60 -11.74 11.22 8.64
CA ILE A 60 -11.53 11.64 10.02
C ILE A 60 -12.14 13.02 10.30
N ASP A 61 -12.01 13.94 9.34
CA ASP A 61 -12.54 15.29 9.47
C ASP A 61 -14.06 15.29 9.42
N HIS A 62 -14.65 15.46 10.59
CA HIS A 62 -16.09 15.51 10.72
C HIS A 62 -16.82 16.39 9.67
N LYS A 63 -16.27 17.57 9.38
CA LYS A 63 -16.87 18.48 8.40
C LYS A 63 -16.85 17.90 6.98
N LEU A 64 -15.68 17.42 6.56
CA LEU A 64 -15.51 16.83 5.24
C LEU A 64 -16.46 15.66 5.00
N CYS A 65 -16.85 14.95 6.05
CA CYS A 65 -17.78 13.85 5.86
C CYS A 65 -19.11 14.41 5.32
N LYS A 66 -19.49 15.58 5.82
CA LYS A 66 -20.72 16.26 5.42
C LYS A 66 -20.61 16.73 3.98
N THR A 67 -19.49 17.37 3.68
CA THR A 67 -19.22 17.86 2.34
C THR A 67 -19.28 16.69 1.36
N THR A 68 -18.63 15.57 1.73
CA THR A 68 -18.63 14.38 0.88
C THR A 68 -20.08 13.99 0.64
N GLU A 69 -20.83 13.92 1.73
CA GLU A 69 -22.24 13.58 1.66
C GLU A 69 -23.00 14.51 0.69
N ASN A 70 -22.77 15.81 0.78
CA ASN A 70 -23.45 16.76 -0.12
C ASN A 70 -23.11 16.47 -1.60
N LYS A 71 -21.84 16.20 -1.88
CA LYS A 71 -21.46 15.92 -3.27
C LYS A 71 -22.10 14.62 -3.80
N LEU A 72 -22.47 13.71 -2.91
CA LEU A 72 -23.04 12.42 -3.31
C LEU A 72 -24.57 12.34 -3.19
N VAL A 73 -25.19 13.52 -3.20
CA VAL A 73 -26.65 13.66 -3.11
C VAL A 73 -27.42 12.71 -4.01
N ASP A 74 -27.07 12.66 -5.29
CA ASP A 74 -27.77 11.80 -6.25
C ASP A 74 -27.38 10.34 -6.27
N HIS A 75 -26.75 9.85 -5.21
CA HIS A 75 -26.32 8.47 -5.22
C HIS A 75 -26.67 7.76 -3.93
N ASP A 76 -26.87 6.45 -4.04
CA ASP A 76 -27.25 5.67 -2.88
C ASP A 76 -26.30 4.61 -2.41
N ASN A 77 -25.50 4.10 -3.34
CA ASN A 77 -24.58 3.03 -2.99
C ASN A 77 -23.34 3.44 -2.21
N PHE A 78 -23.53 4.08 -1.06
CA PHE A 78 -22.39 4.48 -0.25
C PHE A 78 -22.82 4.82 1.17
N GLN A 79 -21.84 5.21 1.97
CA GLN A 79 -22.06 5.62 3.35
C GLN A 79 -20.77 6.34 3.69
N VAL A 80 -20.82 7.26 4.64
CA VAL A 80 -19.61 7.99 5.03
C VAL A 80 -19.43 7.88 6.52
N LEU A 81 -18.36 7.23 6.94
CA LEU A 81 -18.08 7.04 8.35
C LEU A 81 -17.00 7.99 8.79
N ASN A 82 -17.29 8.67 9.89
CA ASN A 82 -16.35 9.61 10.46
C ASN A 82 -15.48 8.85 11.45
N LYS A 83 -14.50 8.12 10.94
CA LYS A 83 -13.58 7.33 11.75
C LYS A 83 -12.13 7.59 11.35
N ASP A 84 -11.21 7.06 12.14
CA ASP A 84 -9.79 7.20 11.88
C ASP A 84 -9.35 5.87 11.22
N ILE A 85 -8.89 5.94 9.97
CA ILE A 85 -8.48 4.74 9.24
C ILE A 85 -7.57 3.87 10.11
N LEU A 86 -6.71 4.51 10.87
CA LEU A 86 -5.81 3.79 11.75
C LEU A 86 -6.50 2.95 12.81
N GLN A 87 -7.75 3.29 13.16
CA GLN A 87 -8.46 2.52 14.19
C GLN A 87 -9.63 1.76 13.56
N PHE A 88 -9.73 1.78 12.23
CA PHE A 88 -10.86 1.11 11.58
C PHE A 88 -10.75 -0.41 11.52
N LYS A 89 -11.89 -1.08 11.62
CA LYS A 89 -11.89 -2.55 11.56
C LYS A 89 -12.62 -3.04 10.29
N PHE A 90 -11.81 -3.54 9.35
CA PHE A 90 -12.26 -4.03 8.05
C PHE A 90 -12.96 -5.37 8.08
N PRO A 91 -13.82 -5.62 7.10
CA PRO A 91 -14.54 -6.89 7.04
C PRO A 91 -13.53 -8.03 6.94
N LYS A 92 -13.89 -9.21 7.44
CA LYS A 92 -12.99 -10.36 7.37
C LYS A 92 -13.52 -11.45 6.43
N ASN A 93 -14.81 -11.41 6.09
CA ASN A 93 -15.39 -12.41 5.21
C ASN A 93 -16.06 -11.76 4.02
N GLN A 94 -15.32 -10.89 3.35
CA GLN A 94 -15.89 -10.19 2.24
C GLN A 94 -14.81 -9.81 1.26
N SER A 95 -15.21 -9.69 0.00
CA SER A 95 -14.28 -9.27 -1.03
C SER A 95 -14.48 -7.79 -1.21
N TYR A 96 -13.40 -7.03 -1.09
CA TYR A 96 -13.43 -5.58 -1.26
C TYR A 96 -12.06 -5.05 -1.70
N LYS A 97 -12.06 -3.89 -2.31
CA LYS A 97 -10.84 -3.28 -2.79
C LYS A 97 -10.74 -1.90 -2.14
N ILE A 98 -9.56 -1.31 -2.18
CA ILE A 98 -9.35 -0.01 -1.55
C ILE A 98 -8.75 1.08 -2.45
N PHE A 99 -9.22 2.30 -2.25
CA PHE A 99 -8.70 3.45 -2.93
C PHE A 99 -8.44 4.54 -1.92
N GLY A 100 -7.45 5.37 -2.20
CA GLY A 100 -7.15 6.46 -1.30
C GLY A 100 -6.02 7.39 -1.69
N ASN A 101 -6.33 8.67 -1.57
CA ASN A 101 -5.38 9.74 -1.81
C ASN A 101 -5.00 10.09 -0.38
N ILE A 102 -3.87 9.55 0.05
CA ILE A 102 -3.47 9.71 1.44
C ILE A 102 -2.37 10.69 1.84
N PRO A 103 -2.41 11.12 3.12
CA PRO A 103 -1.46 12.05 3.73
C PRO A 103 -0.11 11.36 3.81
N TYR A 104 0.95 12.11 3.54
CA TYR A 104 2.31 11.57 3.59
C TYR A 104 2.77 11.20 5.00
N ASN A 105 2.50 12.07 5.97
CA ASN A 105 2.91 11.86 7.35
C ASN A 105 2.50 10.52 7.97
N ILE A 106 1.46 9.88 7.44
CA ILE A 106 1.03 8.59 7.97
C ILE A 106 0.88 7.53 6.89
N SER A 107 1.53 7.72 5.75
CA SER A 107 1.43 6.74 4.68
C SER A 107 1.88 5.38 5.17
N THR A 108 3.03 5.33 5.83
CA THR A 108 3.54 4.07 6.34
C THR A 108 2.48 3.38 7.20
N ASP A 109 1.98 4.10 8.21
CA ASP A 109 0.98 3.54 9.11
C ASP A 109 -0.24 3.07 8.34
N ILE A 110 -0.66 3.84 7.33
CA ILE A 110 -1.83 3.49 6.54
C ILE A 110 -1.60 2.23 5.70
N ILE A 111 -0.47 2.17 5.00
CA ILE A 111 -0.20 1.00 4.21
C ILE A 111 -0.08 -0.24 5.09
N ARG A 112 0.63 -0.14 6.22
CA ARG A 112 0.77 -1.30 7.10
C ARG A 112 -0.60 -1.76 7.60
N LYS A 113 -1.46 -0.80 7.92
CA LYS A 113 -2.80 -1.07 8.41
C LYS A 113 -3.68 -1.77 7.37
N ILE A 114 -3.63 -1.32 6.12
CA ILE A 114 -4.48 -1.93 5.10
C ILE A 114 -3.91 -3.19 4.48
N VAL A 115 -2.61 -3.38 4.53
CA VAL A 115 -2.01 -4.58 3.99
C VAL A 115 -1.97 -5.70 5.05
N PHE A 116 -1.64 -5.35 6.28
CA PHE A 116 -1.56 -6.36 7.33
C PHE A 116 -2.80 -6.49 8.21
N ASP A 117 -3.67 -5.49 8.20
CA ASP A 117 -4.84 -5.58 9.04
C ASP A 117 -6.16 -5.41 8.28
N SER A 118 -6.17 -5.91 7.05
CA SER A 118 -7.36 -5.88 6.21
C SER A 118 -7.11 -6.98 5.19
N ILE A 119 -8.14 -7.41 4.49
CA ILE A 119 -7.94 -8.43 3.47
C ILE A 119 -8.32 -7.96 2.08
N ALA A 120 -8.20 -6.65 1.85
CA ALA A 120 -8.50 -6.07 0.54
C ALA A 120 -7.59 -6.76 -0.46
N ASP A 121 -8.15 -7.24 -1.55
CA ASP A 121 -7.30 -7.95 -2.50
C ASP A 121 -6.61 -7.02 -3.48
N GLU A 122 -7.11 -5.80 -3.60
CA GLU A 122 -6.50 -4.85 -4.50
C GLU A 122 -6.59 -3.47 -3.89
N ILE A 123 -5.46 -2.78 -3.82
CA ILE A 123 -5.38 -1.46 -3.24
C ILE A 123 -4.72 -0.39 -4.14
N TYR A 124 -5.44 0.71 -4.35
CA TYR A 124 -4.96 1.82 -5.15
C TYR A 124 -4.70 3.02 -4.27
N LEU A 125 -3.47 3.50 -4.28
CA LEU A 125 -3.07 4.65 -3.47
C LEU A 125 -2.31 5.74 -4.20
N ILE A 126 -2.53 6.98 -3.79
CA ILE A 126 -1.81 8.10 -4.34
C ILE A 126 -0.88 8.51 -3.20
N VAL A 127 0.42 8.36 -3.42
CA VAL A 127 1.43 8.70 -2.42
C VAL A 127 2.54 9.53 -3.03
N GLU A 128 3.38 10.06 -2.15
CA GLU A 128 4.53 10.87 -2.55
C GLU A 128 5.44 10.01 -3.45
N TYR A 129 5.93 10.62 -4.52
CA TYR A 129 6.81 10.00 -5.53
C TYR A 129 7.95 9.17 -4.96
N GLY A 130 8.68 9.79 -4.02
CA GLY A 130 9.81 9.14 -3.39
C GLY A 130 9.37 8.00 -2.50
N PHE A 131 8.26 8.19 -1.80
CA PHE A 131 7.72 7.17 -0.93
C PHE A 131 7.45 5.91 -1.78
N ALA A 132 6.77 6.09 -2.91
CA ALA A 132 6.45 4.99 -3.83
C ALA A 132 7.71 4.25 -4.25
N LYS A 133 8.79 4.99 -4.49
CA LYS A 133 10.04 4.34 -4.89
C LYS A 133 10.63 3.50 -3.76
N ARG A 134 10.60 4.02 -2.54
CA ARG A 134 11.13 3.24 -1.44
C ARG A 134 10.37 1.90 -1.33
N LEU A 135 9.05 1.90 -1.56
CA LEU A 135 8.25 0.67 -1.47
C LEU A 135 8.76 -0.47 -2.34
N LEU A 136 9.43 -0.12 -3.45
CA LEU A 136 9.97 -1.15 -4.32
C LEU A 136 11.45 -1.42 -4.03
N ASN A 137 11.98 -0.77 -2.99
CA ASN A 137 13.39 -0.93 -2.68
C ASN A 137 13.69 -2.06 -1.68
N THR A 138 14.29 -3.14 -2.17
CA THR A 138 14.63 -4.29 -1.34
C THR A 138 15.71 -4.04 -0.28
N LYS A 139 16.11 -2.79 -0.11
CA LYS A 139 17.10 -2.49 0.91
C LYS A 139 16.40 -1.96 2.15
N ARG A 140 15.09 -1.70 2.04
CA ARG A 140 14.36 -1.18 3.19
C ARG A 140 13.38 -2.21 3.78
N SER A 141 13.26 -2.22 5.10
CA SER A 141 12.39 -3.15 5.80
C SER A 141 10.91 -3.15 5.37
N LEU A 142 10.29 -1.97 5.33
CA LEU A 142 8.89 -1.88 4.93
C LEU A 142 8.66 -2.59 3.61
N ALA A 143 9.52 -2.34 2.64
CA ALA A 143 9.38 -2.97 1.33
C ALA A 143 9.37 -4.49 1.43
N LEU A 144 10.32 -5.04 2.17
CA LEU A 144 10.43 -6.48 2.32
C LEU A 144 9.24 -7.11 3.06
N PHE A 145 8.72 -6.40 4.07
CA PHE A 145 7.56 -6.92 4.82
C PHE A 145 6.33 -6.91 3.93
N LEU A 146 6.16 -5.84 3.15
CA LEU A 146 5.02 -5.72 2.25
C LEU A 146 5.07 -6.70 1.09
N MET A 147 6.25 -6.92 0.52
CA MET A 147 6.35 -7.82 -0.62
C MET A 147 5.99 -9.30 -0.36
N ALA A 148 5.90 -9.65 0.92
CA ALA A 148 5.53 -11.01 1.28
C ALA A 148 4.01 -11.20 1.19
N GLU A 149 3.27 -10.09 1.15
CA GLU A 149 1.81 -10.12 1.11
C GLU A 149 1.20 -9.57 -0.17
N VAL A 150 1.86 -8.61 -0.79
CA VAL A 150 1.33 -8.02 -2.00
C VAL A 150 2.35 -7.72 -3.08
N ASP A 151 1.85 -7.63 -4.32
CA ASP A 151 2.68 -7.24 -5.44
C ASP A 151 2.49 -5.73 -5.52
N ILE A 152 3.57 -5.01 -5.75
CA ILE A 152 3.53 -3.55 -5.80
C ILE A 152 3.84 -3.02 -7.19
N SER A 153 3.04 -2.06 -7.62
CA SER A 153 3.22 -1.47 -8.94
C SER A 153 2.98 0.02 -8.92
N ILE A 154 3.86 0.74 -9.61
CA ILE A 154 3.74 2.18 -9.75
C ILE A 154 3.07 2.36 -11.11
N LEU A 155 1.84 2.85 -11.10
CA LEU A 155 1.08 3.03 -12.32
C LEU A 155 1.28 4.31 -13.11
N SER A 156 1.42 5.43 -12.42
CA SER A 156 1.61 6.72 -13.09
C SER A 156 2.02 7.82 -12.12
N MET A 157 2.47 8.94 -12.69
CA MET A 157 2.89 10.07 -11.88
C MET A 157 1.75 11.09 -11.77
N VAL A 158 1.53 11.61 -10.57
CA VAL A 158 0.47 12.60 -10.36
C VAL A 158 1.17 13.93 -10.07
N PRO A 159 1.15 14.86 -11.03
CA PRO A 159 1.80 16.16 -10.85
C PRO A 159 1.31 16.94 -9.65
N ARG A 160 2.25 17.52 -8.91
CA ARG A 160 1.93 18.30 -7.72
C ARG A 160 0.94 19.42 -8.00
N GLU A 161 0.86 19.89 -9.24
CA GLU A 161 -0.07 20.97 -9.59
C GLU A 161 -1.53 20.51 -9.57
N TYR A 162 -1.74 19.20 -9.57
CA TYR A 162 -3.08 18.59 -9.51
C TYR A 162 -3.63 18.73 -8.09
N PHE A 163 -2.73 18.93 -7.14
CA PHE A 163 -3.10 19.08 -5.74
C PHE A 163 -3.24 20.54 -5.30
N HIS A 164 -4.01 20.76 -4.24
CA HIS A 164 -4.16 22.07 -3.64
C HIS A 164 -4.55 22.00 -2.16
N PRO A 165 -3.70 22.55 -1.28
CA PRO A 165 -2.43 23.24 -1.54
C PRO A 165 -1.45 22.36 -2.30
N LYS A 166 -0.67 22.99 -3.17
CA LYS A 166 0.30 22.27 -3.99
C LYS A 166 1.51 21.81 -3.20
N PRO A 167 1.67 20.48 -3.01
CA PRO A 167 2.81 19.94 -2.27
C PRO A 167 4.13 20.25 -2.98
N LYS A 168 5.24 20.07 -2.27
CA LYS A 168 6.56 20.34 -2.82
C LYS A 168 7.03 19.34 -3.89
N VAL A 169 6.69 18.06 -3.72
CA VAL A 169 7.10 17.04 -4.71
C VAL A 169 5.89 16.37 -5.34
N ASN A 170 6.13 15.69 -6.46
CA ASN A 170 5.08 14.97 -7.18
C ASN A 170 4.68 13.71 -6.42
N SER A 171 3.56 13.12 -6.82
CA SER A 171 3.05 11.90 -6.23
C SER A 171 2.97 10.84 -7.30
N SER A 172 2.62 9.63 -6.87
CA SER A 172 2.47 8.52 -7.78
C SER A 172 1.22 7.70 -7.46
N LEU A 173 0.62 7.10 -8.48
CA LEU A 173 -0.53 6.24 -8.27
C LEU A 173 0.08 4.85 -8.24
N ILE A 174 -0.14 4.13 -7.16
CA ILE A 174 0.39 2.78 -7.02
C ILE A 174 -0.74 1.77 -6.83
N ARG A 175 -0.46 0.51 -7.16
CA ARG A 175 -1.43 -0.57 -7.03
C ARG A 175 -0.82 -1.72 -6.22
N LEU A 176 -1.57 -2.21 -5.26
CA LEU A 176 -1.10 -3.31 -4.43
C LEU A 176 -2.05 -4.47 -4.66
N ASN A 177 -1.53 -5.64 -5.03
CA ASN A 177 -2.40 -6.77 -5.25
C ASN A 177 -2.05 -7.91 -4.31
N ARG A 178 -3.05 -8.34 -3.54
CA ARG A 178 -2.88 -9.43 -2.60
C ARG A 178 -2.50 -10.68 -3.39
N LYS A 179 -1.66 -11.52 -2.78
CA LYS A 179 -1.22 -12.76 -3.39
C LYS A 179 -1.09 -13.78 -2.28
N LYS A 180 -0.88 -15.04 -2.63
CA LYS A 180 -0.67 -16.08 -1.62
C LYS A 180 0.64 -15.70 -0.92
N SER A 181 0.56 -15.43 0.38
CA SER A 181 1.72 -15.05 1.17
C SER A 181 2.93 -15.96 0.97
N ARG A 182 4.10 -15.35 0.82
CA ARG A 182 5.34 -16.11 0.65
C ARG A 182 5.91 -16.51 2.02
N ILE A 183 5.37 -15.93 3.09
CA ILE A 183 5.85 -16.24 4.44
C ILE A 183 4.75 -16.89 5.28
N SER A 184 4.94 -18.15 5.65
CA SER A 184 3.92 -18.85 6.45
C SER A 184 3.69 -18.13 7.77
N HIS A 185 2.48 -18.21 8.29
CA HIS A 185 2.16 -17.57 9.56
C HIS A 185 3.05 -18.02 10.72
N LYS A 186 3.64 -19.21 10.63
CA LYS A 186 4.49 -19.67 11.72
C LYS A 186 5.90 -19.05 11.62
N ASP A 187 6.26 -18.54 10.44
CA ASP A 187 7.56 -17.91 10.28
C ASP A 187 7.55 -16.40 10.47
N LYS A 188 6.42 -15.82 10.88
CA LYS A 188 6.35 -14.37 11.03
C LYS A 188 7.48 -13.78 11.89
N GLN A 189 7.68 -14.36 13.08
CA GLN A 189 8.71 -13.88 13.99
C GLN A 189 10.10 -13.94 13.33
N LYS A 190 10.49 -15.15 12.95
CA LYS A 190 11.78 -15.41 12.32
C LYS A 190 11.98 -14.55 11.06
N TYR A 191 10.91 -14.27 10.35
CA TYR A 191 11.02 -13.45 9.14
C TYR A 191 11.23 -11.99 9.54
N ASN A 192 10.55 -11.57 10.59
CA ASN A 192 10.66 -10.22 11.10
C ASN A 192 12.10 -9.91 11.51
N TYR A 193 12.64 -10.81 12.33
CA TYR A 193 14.01 -10.69 12.82
C TYR A 193 14.98 -10.64 11.64
N PHE A 194 14.90 -11.63 10.76
CA PHE A 194 15.78 -11.71 9.61
C PHE A 194 15.78 -10.41 8.77
N VAL A 195 14.59 -9.92 8.44
CA VAL A 195 14.44 -8.69 7.65
C VAL A 195 15.16 -7.50 8.27
N MET A 196 14.93 -7.29 9.56
CA MET A 196 15.54 -6.18 10.28
C MET A 196 17.06 -6.34 10.28
N LYS A 197 17.56 -7.53 10.61
CA LYS A 197 19.00 -7.74 10.62
C LYS A 197 19.63 -7.57 9.27
N TRP A 198 18.95 -8.05 8.22
CA TRP A 198 19.48 -7.91 6.88
C TRP A 198 19.51 -6.47 6.36
N VAL A 199 18.46 -5.69 6.60
CA VAL A 199 18.46 -4.32 6.10
C VAL A 199 19.49 -3.44 6.81
N ASN A 200 19.80 -3.79 8.06
CA ASN A 200 20.80 -3.08 8.85
C ASN A 200 22.19 -3.64 8.59
N LYS A 201 22.31 -4.59 7.68
CA LYS A 201 23.62 -5.17 7.36
C LYS A 201 24.32 -5.83 8.55
N GLU A 202 23.53 -6.31 9.50
CA GLU A 202 24.08 -6.99 10.66
C GLU A 202 24.14 -8.45 10.25
N TYR A 203 24.95 -8.73 9.24
CA TYR A 203 25.07 -10.08 8.72
C TYR A 203 25.50 -11.12 9.72
N LYS A 204 26.50 -10.79 10.54
CA LYS A 204 27.03 -11.72 11.53
C LYS A 204 26.00 -12.22 12.52
N LYS A 205 24.90 -11.51 12.69
CA LYS A 205 23.91 -11.98 13.63
C LYS A 205 22.96 -13.02 13.03
N ILE A 206 23.05 -13.26 11.73
CA ILE A 206 22.16 -14.22 11.06
C ILE A 206 22.89 -15.21 10.18
N PHE A 207 24.16 -14.93 9.90
CA PHE A 207 24.95 -15.81 9.05
C PHE A 207 26.41 -15.89 9.48
N THR A 208 26.95 -17.11 9.51
CA THR A 208 28.35 -17.29 9.83
C THR A 208 29.00 -16.91 8.49
N LYS A 209 30.29 -16.65 8.47
CA LYS A 209 30.92 -16.25 7.22
C LYS A 209 30.68 -17.25 6.09
N ASN A 210 30.76 -18.54 6.38
CA ASN A 210 30.52 -19.50 5.32
C ASN A 210 29.08 -19.60 4.91
N GLN A 211 28.16 -19.49 5.87
CA GLN A 211 26.74 -19.57 5.57
C GLN A 211 26.40 -18.43 4.64
N PHE A 212 26.91 -17.24 4.97
CA PHE A 212 26.66 -16.07 4.17
C PHE A 212 27.02 -16.32 2.70
N ASN A 213 28.29 -16.69 2.46
CA ASN A 213 28.74 -16.95 1.10
C ASN A 213 27.87 -17.95 0.35
N ASN A 214 27.71 -19.15 0.92
CA ASN A 214 26.89 -20.18 0.29
C ASN A 214 25.50 -19.65 -0.05
N SER A 215 24.90 -18.89 0.86
CA SER A 215 23.56 -18.36 0.62
C SER A 215 23.50 -17.44 -0.60
N LEU A 216 24.44 -16.50 -0.71
CA LEU A 216 24.48 -15.58 -1.87
C LEU A 216 24.70 -16.34 -3.18
N LYS A 217 25.62 -17.31 -3.15
CA LYS A 217 25.88 -18.15 -4.32
C LYS A 217 24.60 -18.90 -4.67
N HIS A 218 24.05 -19.58 -3.67
CA HIS A 218 22.82 -20.34 -3.86
C HIS A 218 21.71 -19.46 -4.43
N ALA A 219 21.58 -18.25 -3.87
CA ALA A 219 20.55 -17.31 -4.33
C ALA A 219 20.93 -16.66 -5.67
N GLY A 220 22.17 -16.85 -6.09
CA GLY A 220 22.62 -16.24 -7.33
C GLY A 220 22.76 -14.73 -7.22
N ILE A 221 23.18 -14.25 -6.06
CA ILE A 221 23.34 -12.82 -5.84
C ILE A 221 24.77 -12.35 -6.12
N ASP A 222 24.99 -11.65 -7.24
CA ASP A 222 26.32 -11.14 -7.56
C ASP A 222 26.52 -9.79 -6.89
N ASP A 223 25.51 -8.93 -6.99
CA ASP A 223 25.55 -7.60 -6.41
C ASP A 223 24.72 -7.54 -5.13
N LEU A 224 25.40 -7.38 -4.00
CA LEU A 224 24.77 -7.34 -2.69
C LEU A 224 24.03 -6.03 -2.45
N ASN A 225 24.08 -5.13 -3.44
CA ASN A 225 23.44 -3.82 -3.33
C ASN A 225 22.29 -3.77 -4.35
N ASN A 226 21.99 -4.91 -4.97
CA ASN A 226 20.90 -4.98 -5.94
C ASN A 226 20.30 -6.40 -5.94
N ILE A 227 19.34 -6.66 -5.07
CA ILE A 227 18.73 -7.99 -5.03
C ILE A 227 17.22 -7.96 -5.22
N SER A 228 16.69 -8.99 -5.88
CA SER A 228 15.26 -9.05 -6.11
C SER A 228 14.59 -9.66 -4.90
N PHE A 229 13.27 -9.46 -4.78
CA PHE A 229 12.58 -10.03 -3.66
C PHE A 229 12.79 -11.55 -3.62
N GLU A 230 12.81 -12.18 -4.81
CA GLU A 230 13.01 -13.63 -4.91
C GLU A 230 14.34 -14.05 -4.33
N GLN A 231 15.36 -13.26 -4.61
CA GLN A 231 16.69 -13.55 -4.10
C GLN A 231 16.69 -13.40 -2.58
N PHE A 232 15.90 -12.46 -2.07
CA PHE A 232 15.82 -12.27 -0.63
C PHE A 232 15.12 -13.46 0.04
N LEU A 233 14.04 -13.95 -0.58
CA LEU A 233 13.32 -15.10 -0.02
C LEU A 233 14.25 -16.29 0.01
N SER A 234 15.15 -16.36 -0.96
CA SER A 234 16.09 -17.45 -1.01
C SER A 234 16.93 -17.36 0.26
N LEU A 235 17.46 -16.17 0.53
CA LEU A 235 18.27 -15.95 1.72
C LEU A 235 17.51 -16.34 2.99
N PHE A 236 16.27 -15.89 3.12
CA PHE A 236 15.46 -16.21 4.30
C PHE A 236 15.25 -17.71 4.41
N ASN A 237 15.23 -18.38 3.26
CA ASN A 237 15.02 -19.81 3.26
C ASN A 237 16.26 -20.54 3.75
N SER A 238 17.41 -20.16 3.23
CA SER A 238 18.67 -20.77 3.64
C SER A 238 18.85 -20.51 5.15
N TYR A 239 18.47 -19.31 5.59
CA TYR A 239 18.57 -18.93 6.98
C TYR A 239 17.78 -19.94 7.81
N LYS A 240 16.58 -20.29 7.35
CA LYS A 240 15.79 -21.26 8.10
C LYS A 240 16.48 -22.62 8.12
N LEU A 241 16.92 -23.08 6.95
CA LEU A 241 17.59 -24.37 6.85
C LEU A 241 18.76 -24.47 7.83
N PHE A 242 19.52 -23.39 7.92
CA PHE A 242 20.66 -23.35 8.83
C PHE A 242 20.29 -23.30 10.32
N ASN A 243 19.01 -23.18 10.66
CA ASN A 243 18.61 -23.13 12.07
C ASN A 243 17.27 -23.84 12.39
N LYS A 244 16.95 -24.92 11.67
CA LYS A 244 15.69 -25.66 11.90
C LYS A 244 15.92 -26.61 13.08
#